data_8GBE
#
_entry.id   8GBE
#
_cell.length_a   64.465
_cell.length_b   74.140
_cell.length_c   95.599
_cell.angle_alpha   90.000
_cell.angle_beta   90.000
_cell.angle_gamma   90.000
#
_symmetry.space_group_name_H-M   'C 2 2 21'
#
loop_
_entity.id
_entity.type
_entity.pdbx_description
1 polymer 'Protein A47'
2 water water
#
_entity_poly.entity_id   1
_entity_poly.type   'polypeptide(L)'
_entity_poly.pdbx_seq_one_letter_code
;SNNAVTHVSANSIRQHILFNNFETLHKDIQSKIDLVNTFTPQTKNLIFRNLLIVITNSYHLQNLLDALEQLEPMYVTDAY
SEAILNEIGLCDKGIPNLSSIHFMIYLVSGLTKLTTKQSKILMEIVTDAKIFCHHVNVLEYIIKKNVEKLETVTSTLLEK
YTKLPLEVTLFKESGLKIQGNTYIWDPEHKKSICNLYTVIKIMSYIM
;
_entity_poly.pdbx_strand_id   A
#
# COMPACT_ATOMS: atom_id res chain seq x y z
N ASN A 3 -6.68 -2.66 -27.00
CA ASN A 3 -6.22 -1.36 -27.48
C ASN A 3 -5.02 -0.92 -26.65
N ALA A 4 -3.89 -0.65 -27.30
CA ALA A 4 -2.71 -0.17 -26.60
C ALA A 4 -1.93 0.79 -27.49
N VAL A 5 -1.32 1.80 -26.88
CA VAL A 5 -0.49 2.77 -27.61
C VAL A 5 0.77 3.02 -26.80
N THR A 6 1.93 2.97 -27.47
CA THR A 6 3.19 3.25 -26.81
C THR A 6 3.13 4.61 -26.13
N HIS A 7 3.68 4.68 -24.92
CA HIS A 7 3.53 5.86 -24.07
C HIS A 7 4.90 6.17 -23.47
N VAL A 8 5.63 7.09 -24.10
CA VAL A 8 6.97 7.47 -23.67
C VAL A 8 6.96 8.93 -23.27
N SER A 9 7.02 9.22 -21.97
CA SER A 9 7.35 10.53 -21.47
C SER A 9 8.38 10.36 -20.37
N ALA A 10 9.01 11.44 -19.94
CA ALA A 10 9.95 11.29 -18.84
C ALA A 10 9.26 10.64 -17.64
N ASN A 11 8.01 11.02 -17.38
CA ASN A 11 7.30 10.52 -16.21
C ASN A 11 6.97 9.04 -16.35
N SER A 12 6.52 8.60 -17.52
CA SER A 12 6.29 7.16 -17.70
C SER A 12 7.58 6.36 -17.66
N ILE A 13 8.67 6.94 -18.17
CA ILE A 13 9.97 6.26 -18.10
C ILE A 13 10.40 6.06 -16.67
N ARG A 14 10.36 7.13 -15.85
CA ARG A 14 10.72 7.00 -14.43
C ARG A 14 9.97 5.85 -13.79
N GLN A 15 8.66 5.82 -13.99
CA GLN A 15 7.87 4.81 -13.28
C GLN A 15 8.07 3.42 -13.85
N HIS A 16 8.46 3.32 -15.12
CA HIS A 16 8.79 2.03 -15.71
C HIS A 16 10.11 1.49 -15.18
N ILE A 17 11.09 2.37 -14.92
CA ILE A 17 12.33 1.91 -14.30
C ILE A 17 12.02 1.37 -12.90
N LEU A 18 11.08 1.99 -12.16
CA LEU A 18 10.73 1.51 -10.83
C LEU A 18 9.96 0.19 -10.89
N PHE A 19 9.05 0.04 -11.86
CA PHE A 19 8.10 -1.09 -11.87
C PHE A 19 7.97 -1.58 -13.31
N ASN A 20 8.61 -2.71 -13.62
CA ASN A 20 8.47 -3.30 -14.96
C ASN A 20 8.39 -4.81 -14.94
N ASN A 21 8.35 -5.45 -13.77
CA ASN A 21 8.46 -6.91 -13.68
C ASN A 21 7.65 -7.38 -12.49
N PHE A 22 6.56 -8.11 -12.73
CA PHE A 22 5.72 -8.50 -11.61
C PHE A 22 6.45 -9.45 -10.66
N GLU A 23 7.21 -10.39 -11.20
CA GLU A 23 7.91 -11.35 -10.34
C GLU A 23 8.82 -10.63 -9.35
N THR A 24 9.53 -9.62 -9.83
CA THR A 24 10.42 -8.84 -8.98
C THR A 24 9.64 -8.08 -7.92
N LEU A 25 8.57 -7.41 -8.32
CA LEU A 25 7.73 -6.71 -7.34
C LEU A 25 7.19 -7.67 -6.29
N HIS A 26 6.74 -8.85 -6.73
CA HIS A 26 6.15 -9.77 -5.78
C HIS A 26 7.20 -10.36 -4.84
N LYS A 27 8.41 -10.59 -5.34
CA LYS A 27 9.47 -11.06 -4.46
C LYS A 27 9.86 -10.00 -3.44
N ASP A 28 9.87 -8.72 -3.84
CA ASP A 28 10.14 -7.66 -2.89
C ASP A 28 9.08 -7.60 -1.81
N ILE A 29 7.82 -7.80 -2.19
CA ILE A 29 6.76 -7.76 -1.19
C ILE A 29 6.85 -8.95 -0.26
N GLN A 30 7.13 -10.13 -0.80
CA GLN A 30 7.32 -11.31 0.04
C GLN A 30 8.44 -11.09 1.05
N SER A 31 9.48 -10.34 0.68
CA SER A 31 10.58 -10.12 1.61
C SER A 31 10.16 -9.23 2.77
N LYS A 32 9.18 -8.33 2.54
CA LYS A 32 8.64 -7.54 3.63
C LYS A 32 7.68 -8.37 4.47
N ILE A 33 6.98 -9.31 3.86
CA ILE A 33 6.01 -10.13 4.59
C ILE A 33 6.71 -11.14 5.49
N ASP A 34 7.82 -11.72 5.01
CA ASP A 34 8.60 -12.61 5.87
C ASP A 34 9.19 -11.85 7.05
N LEU A 35 9.43 -10.56 6.87
CA LEU A 35 9.84 -9.69 7.96
C LEU A 35 8.73 -9.57 9.00
N VAL A 36 7.47 -9.45 8.55
CA VAL A 36 6.33 -9.46 9.46
C VAL A 36 6.27 -10.75 10.27
N ASN A 37 6.61 -11.88 9.63
CA ASN A 37 6.60 -13.17 10.33
C ASN A 37 7.57 -13.19 11.50
N THR A 38 8.39 -12.15 11.65
CA THR A 38 9.27 -12.02 12.79
C THR A 38 8.58 -11.42 14.02
N PHE A 39 7.39 -10.84 13.86
CA PHE A 39 6.65 -10.22 14.94
C PHE A 39 5.74 -11.23 15.63
N THR A 40 5.49 -11.02 16.92
CA THR A 40 4.47 -11.77 17.63
C THR A 40 3.08 -11.35 17.16
N PRO A 41 2.07 -12.19 17.33
CA PRO A 41 0.71 -11.80 16.93
C PRO A 41 0.20 -10.58 17.65
N GLN A 42 0.60 -10.38 18.91
CA GLN A 42 0.16 -9.21 19.64
C GLN A 42 0.81 -7.94 19.08
N THR A 43 2.05 -8.04 18.61
CA THR A 43 2.71 -6.91 17.96
C THR A 43 2.03 -6.56 16.63
N LYS A 44 1.82 -7.58 15.79
CA LYS A 44 1.11 -7.36 14.53
C LYS A 44 -0.24 -6.70 14.76
N ASN A 45 -0.96 -7.17 15.78
CA ASN A 45 -2.28 -6.65 16.09
C ASN A 45 -2.22 -5.20 16.56
N LEU A 46 -1.29 -4.90 17.47
CA LEU A 46 -1.13 -3.52 17.95
C LEU A 46 -0.82 -2.58 16.79
N ILE A 47 0.11 -2.97 15.92
CA ILE A 47 0.53 -2.12 14.81
C ILE A 47 -0.63 -1.91 13.84
N PHE A 48 -1.26 -3.00 13.41
CA PHE A 48 -2.34 -2.90 12.43
C PHE A 48 -3.47 -2.02 12.96
N ARG A 49 -3.92 -2.27 14.19
CA ARG A 49 -5.06 -1.50 14.68
C ARG A 49 -4.68 -0.05 14.94
N ASN A 50 -3.48 0.21 15.47
CA ASN A 50 -3.07 1.60 15.67
C ASN A 50 -2.89 2.34 14.34
N LEU A 51 -2.30 1.69 13.31
CA LEU A 51 -2.14 2.35 12.02
C LEU A 51 -3.47 2.76 11.40
N LEU A 52 -4.51 1.93 11.56
CA LEU A 52 -5.80 2.28 11.00
C LEU A 52 -6.37 3.55 11.62
N ILE A 53 -6.03 3.84 12.87
CA ILE A 53 -6.43 5.10 13.48
C ILE A 53 -5.55 6.24 13.01
N VAL A 54 -4.25 6.01 12.89
CA VAL A 54 -3.34 7.08 12.50
C VAL A 54 -3.69 7.61 11.10
N ILE A 55 -4.10 6.73 10.20
CA ILE A 55 -4.40 7.18 8.84
C ILE A 55 -5.69 8.01 8.74
N THR A 56 -6.44 8.16 9.85
CA THR A 56 -7.51 9.17 9.86
C THR A 56 -6.99 10.60 9.79
N ASN A 57 -5.69 10.86 10.00
CA ASN A 57 -5.19 12.22 10.01
C ASN A 57 -3.82 12.24 9.35
N SER A 58 -3.75 12.82 8.14
CA SER A 58 -2.52 12.86 7.39
C SER A 58 -1.39 13.55 8.14
N TYR A 59 -1.73 14.54 8.99
CA TYR A 59 -0.71 15.26 9.71
C TYR A 59 -0.04 14.33 10.72
N HIS A 60 -0.83 13.60 11.49
CA HIS A 60 -0.22 12.68 12.45
C HIS A 60 0.53 11.56 11.75
N LEU A 61 0.02 11.06 10.62
CA LEU A 61 0.72 10.02 9.88
C LEU A 61 2.07 10.52 9.40
N GLN A 62 2.14 11.77 8.92
CA GLN A 62 3.42 12.30 8.47
C GLN A 62 4.42 12.38 9.63
N ASN A 63 3.96 12.76 10.81
CA ASN A 63 4.86 12.87 11.94
C ASN A 63 5.37 11.51 12.37
N LEU A 64 4.53 10.49 12.29
CA LEU A 64 4.98 9.11 12.52
C LEU A 64 6.09 8.73 11.54
N LEU A 65 5.92 9.07 10.23
CA LEU A 65 6.97 8.76 9.26
C LEU A 65 8.25 9.50 9.60
N ASP A 66 8.16 10.78 9.97
CA ASP A 66 9.38 11.52 10.31
C ASP A 66 10.06 10.91 11.54
N ALA A 67 9.28 10.49 12.54
CA ALA A 67 9.88 9.90 13.74
C ALA A 67 10.63 8.63 13.37
N LEU A 68 10.04 7.81 12.49
CA LEU A 68 10.69 6.56 12.09
C LEU A 68 11.97 6.83 11.31
N GLU A 69 11.87 7.72 10.34
CA GLU A 69 12.99 7.93 9.42
C GLU A 69 14.14 8.63 10.13
N GLN A 70 13.85 9.50 11.07
CA GLN A 70 14.88 10.23 11.81
C GLN A 70 15.23 9.58 13.13
N LEU A 71 14.59 8.45 13.47
CA LEU A 71 14.84 7.77 14.74
C LEU A 71 14.62 8.73 15.89
N GLU A 72 13.54 9.53 15.78
CA GLU A 72 13.31 10.64 16.70
C GLU A 72 11.88 10.54 17.19
N PRO A 73 11.65 9.80 18.27
CA PRO A 73 10.30 9.66 18.83
C PRO A 73 9.69 10.98 19.30
N MET A 74 10.50 12.04 19.48
CA MET A 74 9.96 13.34 19.87
C MET A 74 9.02 13.91 18.84
N TYR A 75 9.08 13.41 17.59
CA TYR A 75 8.30 14.01 16.51
C TYR A 75 6.85 13.54 16.45
N VAL A 76 6.45 12.48 17.15
CA VAL A 76 5.04 12.06 17.03
C VAL A 76 4.11 13.01 17.77
N THR A 77 2.88 13.06 17.27
CA THR A 77 1.90 14.04 17.75
C THR A 77 0.58 13.40 18.15
N ASP A 78 0.55 12.07 18.31
CA ASP A 78 -0.65 11.36 18.73
C ASP A 78 -0.26 10.08 19.48
N ALA A 79 -1.18 9.62 20.35
CA ALA A 79 -0.92 8.47 21.22
C ALA A 79 -0.94 7.14 20.46
N TYR A 80 -1.59 7.07 19.29
CA TYR A 80 -1.60 5.82 18.54
C TYR A 80 -0.26 5.61 17.85
N SER A 81 0.31 6.68 17.29
CA SER A 81 1.66 6.60 16.78
C SER A 81 2.66 6.36 17.90
N GLU A 82 2.47 7.03 19.04
CA GLU A 82 3.37 6.78 20.16
C GLU A 82 3.37 5.30 20.55
N ALA A 83 2.20 4.67 20.59
CA ALA A 83 2.12 3.25 20.95
C ALA A 83 2.88 2.38 19.96
N ILE A 84 2.79 2.69 18.67
CA ILE A 84 3.58 1.97 17.68
C ILE A 84 5.07 2.09 17.98
N LEU A 85 5.53 3.30 18.24
CA LEU A 85 6.96 3.48 18.52
C LEU A 85 7.36 2.75 19.78
N ASN A 86 6.51 2.75 20.80
CA ASN A 86 6.83 2.04 22.03
C ASN A 86 6.96 0.54 21.76
N GLU A 87 6.12 -0.01 20.88
CA GLU A 87 6.16 -1.44 20.63
C GLU A 87 7.43 -1.86 19.90
N ILE A 88 7.95 -1.01 19.02
CA ILE A 88 9.15 -1.36 18.26
C ILE A 88 10.43 -0.87 18.93
N GLY A 89 10.33 -0.24 20.10
CA GLY A 89 11.48 0.19 20.90
C GLY A 89 12.02 1.57 20.63
N LEU A 90 11.33 2.39 19.81
CA LEU A 90 11.78 3.75 19.59
C LEU A 90 11.16 4.63 20.67
N CYS A 91 11.75 4.57 21.86
CA CYS A 91 11.19 5.18 23.05
C CYS A 91 12.23 5.13 24.16
N ASP A 92 11.99 5.94 25.19
CA ASP A 92 12.81 5.87 26.38
C ASP A 92 12.69 4.47 26.96
N LYS A 93 13.81 3.91 27.37
CA LYS A 93 13.87 2.57 27.93
C LYS A 93 13.62 1.49 26.90
N GLY A 94 13.48 1.83 25.62
CA GLY A 94 13.46 0.86 24.57
C GLY A 94 14.74 0.87 23.75
N ILE A 95 14.91 -0.22 23.00
CA ILE A 95 15.96 -0.33 22.00
C ILE A 95 15.24 -0.49 20.66
N PRO A 96 15.44 0.43 19.72
CA PRO A 96 14.69 0.38 18.45
C PRO A 96 15.13 -0.85 17.65
N ASN A 97 14.16 -1.65 17.27
CA ASN A 97 14.46 -2.89 16.56
C ASN A 97 14.64 -2.60 15.07
N LEU A 98 15.79 -3.00 14.54
CA LEU A 98 16.19 -2.60 13.19
C LEU A 98 15.20 -3.10 12.14
N SER A 99 14.86 -4.39 12.18
CA SER A 99 13.93 -4.96 11.19
C SER A 99 12.58 -4.26 11.24
N SER A 100 12.05 -4.04 12.45
CA SER A 100 10.72 -3.43 12.59
C SER A 100 10.73 -1.99 12.09
N ILE A 101 11.81 -1.26 12.35
CA ILE A 101 11.89 0.11 11.87
C ILE A 101 11.90 0.14 10.35
N HIS A 102 12.66 -0.75 9.72
CA HIS A 102 12.67 -0.79 8.27
C HIS A 102 11.30 -1.13 7.71
N PHE A 103 10.65 -2.14 8.29
CA PHE A 103 9.30 -2.51 7.86
C PHE A 103 8.33 -1.33 8.00
N MET A 104 8.36 -0.65 9.14
CA MET A 104 7.39 0.40 9.36
C MET A 104 7.63 1.60 8.47
N ILE A 105 8.90 1.96 8.23
CA ILE A 105 9.18 3.02 7.27
C ILE A 105 8.58 2.68 5.92
N TYR A 106 8.81 1.45 5.45
CA TYR A 106 8.26 1.01 4.15
C TYR A 106 6.74 1.16 4.13
N LEU A 107 6.06 0.60 5.13
CA LEU A 107 4.60 0.60 5.12
C LEU A 107 4.03 1.99 5.32
N VAL A 108 4.55 2.75 6.29
CA VAL A 108 4.04 4.09 6.52
C VAL A 108 4.31 5.02 5.35
N SER A 109 5.50 4.90 4.72
CA SER A 109 5.75 5.69 3.53
C SER A 109 4.71 5.36 2.45
N GLY A 110 4.38 4.07 2.29
CA GLY A 110 3.32 3.75 1.32
C GLY A 110 1.98 4.37 1.68
N LEU A 111 1.62 4.34 2.97
CA LEU A 111 0.35 4.92 3.41
C LEU A 111 0.30 6.44 3.21
N THR A 112 1.43 7.15 3.37
CA THR A 112 1.40 8.59 3.16
C THR A 112 1.14 8.96 1.71
N LYS A 113 1.27 8.00 0.79
CA LYS A 113 0.99 8.26 -0.62
C LYS A 113 -0.47 8.05 -0.95
N LEU A 114 -1.26 7.50 -0.05
CA LEU A 114 -2.69 7.35 -0.35
C LEU A 114 -3.37 8.70 -0.29
N THR A 115 -4.44 8.86 -1.08
CA THR A 115 -5.25 10.06 -0.93
C THR A 115 -6.23 9.94 0.25
N THR A 116 -6.84 11.07 0.64
CA THR A 116 -7.81 11.02 1.72
C THR A 116 -8.92 10.04 1.40
N LYS A 117 -9.46 10.08 0.17
CA LYS A 117 -10.53 9.16 -0.19
C LYS A 117 -10.06 7.71 -0.10
N GLN A 118 -8.83 7.43 -0.55
CA GLN A 118 -8.34 6.05 -0.45
C GLN A 118 -8.22 5.62 1.02
N SER A 119 -7.78 6.51 1.90
CA SER A 119 -7.66 6.15 3.30
C SER A 119 -9.02 5.85 3.91
N LYS A 120 -10.04 6.63 3.54
CA LYS A 120 -11.38 6.37 4.02
C LYS A 120 -11.90 5.03 3.49
N ILE A 121 -11.62 4.71 2.23
CA ILE A 121 -12.05 3.43 1.71
C ILE A 121 -11.34 2.30 2.43
N LEU A 122 -10.03 2.44 2.68
CA LEU A 122 -9.32 1.38 3.36
C LEU A 122 -9.95 1.09 4.71
N MET A 123 -10.37 2.14 5.42
CA MET A 123 -11.02 1.96 6.72
C MET A 123 -12.28 1.14 6.60
N GLU A 124 -13.02 1.34 5.51
CA GLU A 124 -14.27 0.61 5.25
C GLU A 124 -13.99 -0.86 4.92
N ILE A 125 -13.09 -1.10 3.96
CA ILE A 125 -12.93 -2.46 3.45
C ILE A 125 -12.17 -3.38 4.41
N VAL A 126 -11.40 -2.85 5.35
CA VAL A 126 -10.70 -3.73 6.28
C VAL A 126 -11.65 -4.45 7.23
N THR A 127 -12.92 -4.06 7.28
CA THR A 127 -13.87 -4.70 8.17
C THR A 127 -14.36 -6.05 7.67
N ASP A 128 -14.02 -6.44 6.44
CA ASP A 128 -14.42 -7.73 5.89
C ASP A 128 -13.19 -8.28 5.17
N ALA A 129 -12.57 -9.32 5.73
CA ALA A 129 -11.31 -9.80 5.18
C ALA A 129 -11.48 -10.36 3.77
N LYS A 130 -12.63 -10.97 3.47
CA LYS A 130 -12.84 -11.49 2.13
C LYS A 130 -12.89 -10.36 1.12
N ILE A 131 -13.65 -9.31 1.43
CA ILE A 131 -13.75 -8.15 0.54
C ILE A 131 -12.41 -7.42 0.43
N PHE A 132 -11.68 -7.28 1.55
CA PHE A 132 -10.37 -6.65 1.48
C PHE A 132 -9.46 -7.43 0.54
N CYS A 133 -9.41 -8.75 0.73
CA CYS A 133 -8.53 -9.58 -0.08
C CYS A 133 -8.95 -9.55 -1.53
N HIS A 134 -10.26 -9.43 -1.80
CA HIS A 134 -10.72 -9.32 -3.18
C HIS A 134 -10.14 -8.08 -3.86
N HIS A 135 -10.09 -6.93 -3.15
CA HIS A 135 -9.44 -5.75 -3.73
C HIS A 135 -7.99 -6.04 -4.06
N VAL A 136 -7.28 -6.73 -3.16
CA VAL A 136 -5.88 -7.08 -3.40
C VAL A 136 -5.77 -7.93 -4.66
N ASN A 137 -6.62 -8.96 -4.76
CA ASN A 137 -6.52 -9.94 -5.85
C ASN A 137 -6.82 -9.27 -7.19
N VAL A 138 -7.85 -8.42 -7.25
CA VAL A 138 -8.18 -7.78 -8.52
C VAL A 138 -7.04 -6.86 -8.96
N LEU A 139 -6.51 -6.07 -8.03
CA LEU A 139 -5.45 -5.17 -8.40
C LEU A 139 -4.20 -5.94 -8.81
N GLU A 140 -3.91 -7.05 -8.09
CA GLU A 140 -2.77 -7.88 -8.44
C GLU A 140 -2.86 -8.41 -9.87
N TYR A 141 -4.05 -8.82 -10.28
CA TYR A 141 -4.27 -9.33 -11.64
C TYR A 141 -4.01 -8.25 -12.67
N ILE A 142 -4.57 -7.06 -12.46
CA ILE A 142 -4.34 -5.97 -13.41
C ILE A 142 -2.87 -5.63 -13.52
N ILE A 143 -2.16 -5.57 -12.39
CA ILE A 143 -0.74 -5.26 -12.45
C ILE A 143 0.05 -6.37 -13.15
N LYS A 144 -0.27 -7.63 -12.86
CA LYS A 144 0.45 -8.73 -13.51
C LYS A 144 0.29 -8.64 -15.02
N LYS A 145 -0.89 -8.24 -15.47
CA LYS A 145 -1.15 -8.19 -16.89
C LYS A 145 -0.49 -7.00 -17.58
N ASN A 146 -0.22 -5.91 -16.88
CA ASN A 146 0.17 -4.68 -17.53
C ASN A 146 1.50 -4.07 -17.11
N VAL A 147 2.12 -4.53 -16.01
CA VAL A 147 3.28 -3.85 -15.43
C VAL A 147 4.49 -3.79 -16.39
N GLU A 148 4.63 -4.75 -17.32
CA GLU A 148 5.76 -4.73 -18.24
C GLU A 148 5.56 -3.77 -19.42
N LYS A 149 4.36 -3.21 -19.59
CA LYS A 149 4.00 -2.47 -20.80
C LYS A 149 4.31 -0.99 -20.66
N LEU A 150 5.03 -0.43 -21.61
CA LEU A 150 5.22 1.01 -21.65
C LEU A 150 4.22 1.62 -22.65
N GLU A 151 2.95 1.42 -22.30
CA GLU A 151 1.83 1.67 -23.19
C GLU A 151 0.62 2.01 -22.34
N THR A 152 -0.26 2.83 -22.91
CA THR A 152 -1.60 3.00 -22.35
C THR A 152 -2.49 1.91 -22.96
N VAL A 153 -3.17 1.14 -22.09
CA VAL A 153 -3.85 -0.08 -22.50
C VAL A 153 -5.32 0.04 -22.06
N THR A 154 -6.26 -0.28 -22.93
CA THR A 154 -7.65 -0.42 -22.51
C THR A 154 -8.01 -1.90 -22.53
N SER A 155 -8.52 -2.43 -21.42
CA SER A 155 -8.79 -3.86 -21.37
C SER A 155 -9.96 -4.14 -20.45
N THR A 156 -10.27 -5.43 -20.29
CA THR A 156 -11.40 -5.78 -19.43
C THR A 156 -10.94 -6.74 -18.34
N LEU A 157 -11.69 -6.75 -17.25
CA LEU A 157 -11.50 -7.76 -16.23
C LEU A 157 -12.25 -9.03 -16.61
N LEU A 158 -11.68 -10.16 -16.26
CA LEU A 158 -12.40 -11.41 -16.37
C LEU A 158 -13.67 -11.32 -15.54
N GLU A 159 -14.79 -11.83 -16.09
CA GLU A 159 -16.05 -11.76 -15.37
C GLU A 159 -15.94 -12.41 -13.99
N LYS A 160 -15.10 -13.44 -13.85
CA LYS A 160 -14.89 -14.09 -12.57
C LYS A 160 -14.37 -13.15 -11.48
N TYR A 161 -13.73 -12.04 -11.85
CA TYR A 161 -13.25 -11.06 -10.88
C TYR A 161 -14.31 -10.03 -10.51
N THR A 162 -15.50 -10.10 -11.11
CA THR A 162 -16.50 -9.07 -10.85
C THR A 162 -17.66 -9.55 -10.01
N LYS A 163 -17.56 -10.74 -9.40
CA LYS A 163 -18.67 -11.31 -8.65
C LYS A 163 -18.72 -10.81 -7.21
N LEU A 164 -17.57 -10.45 -6.63
CA LEU A 164 -17.65 -9.81 -5.32
C LEU A 164 -17.57 -8.30 -5.47
N PRO A 165 -18.17 -7.53 -4.58
CA PRO A 165 -18.14 -6.07 -4.76
C PRO A 165 -16.76 -5.47 -4.50
N LEU A 166 -16.55 -4.33 -5.15
CA LEU A 166 -15.33 -3.51 -4.98
C LEU A 166 -15.77 -2.06 -4.77
N GLU A 167 -14.90 -1.26 -4.15
CA GLU A 167 -15.07 0.18 -4.17
C GLU A 167 -14.06 0.70 -5.17
N VAL A 168 -14.45 0.79 -6.44
CA VAL A 168 -13.47 1.06 -7.50
C VAL A 168 -12.87 2.47 -7.43
N THR A 169 -13.47 3.38 -6.68
CA THR A 169 -12.84 4.66 -6.40
C THR A 169 -11.45 4.46 -5.79
N LEU A 170 -11.24 3.37 -5.06
CA LEU A 170 -9.90 3.11 -4.52
C LEU A 170 -8.88 3.07 -5.65
N PHE A 171 -9.25 2.43 -6.77
CA PHE A 171 -8.32 2.31 -7.89
C PHE A 171 -8.30 3.60 -8.71
N LYS A 172 -9.45 4.25 -8.88
CA LYS A 172 -9.52 5.48 -9.66
C LYS A 172 -8.66 6.59 -9.05
N GLU A 173 -8.57 6.61 -7.71
CA GLU A 173 -7.74 7.62 -7.04
C GLU A 173 -6.26 7.42 -7.30
N SER A 174 -5.86 6.22 -7.74
CA SER A 174 -4.49 5.94 -8.17
C SER A 174 -4.32 6.02 -9.68
N GLY A 175 -5.31 6.53 -10.38
CA GLY A 175 -5.14 6.74 -11.80
C GLY A 175 -5.59 5.59 -12.67
N LEU A 176 -6.22 4.56 -12.12
CA LEU A 176 -6.74 3.45 -12.90
C LEU A 176 -8.18 3.77 -13.24
N LYS A 177 -8.41 4.26 -14.47
CA LYS A 177 -9.77 4.60 -14.92
C LYS A 177 -10.57 3.34 -15.18
N ILE A 178 -11.82 3.35 -14.74
CA ILE A 178 -12.64 2.16 -14.80
C ILE A 178 -14.06 2.59 -15.10
N GLN A 179 -14.71 1.87 -15.98
CA GLN A 179 -16.16 1.99 -16.15
C GLN A 179 -16.69 0.59 -16.38
N GLY A 180 -17.66 0.17 -15.58
CA GLY A 180 -18.13 -1.20 -15.73
C GLY A 180 -16.97 -2.13 -15.45
N ASN A 181 -16.77 -3.13 -16.32
CA ASN A 181 -15.68 -4.08 -16.23
C ASN A 181 -14.47 -3.70 -17.08
N THR A 182 -14.42 -2.48 -17.61
CA THR A 182 -13.36 -2.08 -18.52
C THR A 182 -12.46 -1.08 -17.80
N TYR A 183 -11.16 -1.19 -18.03
CA TYR A 183 -10.22 -0.30 -17.38
C TYR A 183 -9.25 0.29 -18.40
N ILE A 184 -8.67 1.44 -18.05
CA ILE A 184 -7.57 2.03 -18.83
C ILE A 184 -6.35 2.08 -17.94
N TRP A 185 -5.30 1.36 -18.35
CA TRP A 185 -4.03 1.36 -17.64
C TRP A 185 -3.12 2.40 -18.29
N ASP A 186 -2.68 3.38 -17.51
CA ASP A 186 -1.84 4.47 -17.98
C ASP A 186 -0.54 4.40 -17.20
N PRO A 187 0.60 4.26 -17.89
CA PRO A 187 1.87 4.13 -17.18
C PRO A 187 2.30 5.40 -16.45
N GLU A 188 1.67 6.55 -16.73
CA GLU A 188 1.92 7.77 -15.93
C GLU A 188 1.45 7.62 -14.51
N HIS A 189 0.64 6.58 -14.22
CA HIS A 189 0.12 6.33 -12.87
C HIS A 189 0.61 5.01 -12.30
N LYS A 190 1.61 4.39 -12.93
CA LYS A 190 2.06 3.06 -12.51
C LYS A 190 2.59 3.06 -11.09
N LYS A 191 3.38 4.08 -10.69
CA LYS A 191 3.90 4.09 -9.33
C LYS A 191 2.75 4.15 -8.33
N SER A 192 1.71 4.94 -8.64
CA SER A 192 0.61 5.06 -7.68
C SER A 192 -0.11 3.74 -7.54
N ILE A 193 -0.40 3.08 -8.67
CA ILE A 193 -1.10 1.81 -8.65
C ILE A 193 -0.28 0.76 -7.93
N CYS A 194 1.03 0.71 -8.20
CA CYS A 194 1.82 -0.33 -7.55
C CYS A 194 2.07 0.00 -6.08
N ASN A 195 2.15 1.28 -5.71
CA ASN A 195 2.20 1.64 -4.30
C ASN A 195 0.93 1.19 -3.60
N LEU A 196 -0.24 1.44 -4.21
CA LEU A 196 -1.51 1.04 -3.61
C LEU A 196 -1.52 -0.48 -3.39
N TYR A 197 -1.10 -1.25 -4.42
CA TYR A 197 -1.10 -2.70 -4.28
C TYR A 197 -0.15 -3.15 -3.18
N THR A 198 1.05 -2.56 -3.12
CA THR A 198 1.98 -2.96 -2.07
C THR A 198 1.39 -2.73 -0.68
N VAL A 199 0.77 -1.57 -0.48
CA VAL A 199 0.15 -1.26 0.82
C VAL A 199 -0.94 -2.28 1.15
N ILE A 200 -1.86 -2.53 0.22
CA ILE A 200 -2.98 -3.40 0.61
C ILE A 200 -2.54 -4.85 0.69
N LYS A 201 -1.55 -5.26 -0.13
CA LYS A 201 -1.05 -6.62 -0.03
C LYS A 201 -0.42 -6.87 1.35
N ILE A 202 0.40 -5.90 1.80
CA ILE A 202 1.03 -6.02 3.10
C ILE A 202 0.01 -5.95 4.22
N MET A 203 -0.96 -5.03 4.12
CA MET A 203 -1.95 -4.91 5.17
C MET A 203 -2.74 -6.20 5.31
N SER A 204 -3.04 -6.87 4.20
CA SER A 204 -3.82 -8.10 4.28
C SER A 204 -3.11 -9.15 5.12
N TYR A 205 -1.78 -9.07 5.21
CA TYR A 205 -0.97 -10.00 6.00
C TYR A 205 -0.79 -9.61 7.46
N ILE A 206 -1.19 -8.40 7.86
CA ILE A 206 -1.17 -8.04 9.27
C ILE A 206 -2.55 -7.92 9.88
N MET A 207 -3.60 -8.09 9.09
CA MET A 207 -4.96 -7.92 9.61
C MET A 207 -5.44 -9.17 10.33
#